data_4GT1
#
_entry.id   4GT1
#
_cell.length_a   65.920
_cell.length_b   187.820
_cell.length_c   66.460
_cell.angle_alpha   90.000
_cell.angle_beta   90.000
_cell.angle_gamma   90.000
#
_symmetry.space_group_name_H-M   'C 2 2 21'
#
loop_
_entity.id
_entity.type
_entity.pdbx_description
1 polymer 'Probable GTPase Rv1496/MT1543'
2 non-polymer "2'-DEOXYGUANOSINE-5'-DIPHOSPHATE"
3 non-polymer 'TRIETHYLENE GLYCOL'
4 non-polymer 'CHLORIDE ION'
5 water water
#
_entity_poly.entity_id   1
_entity_poly.type   'polypeptide(L)'
_entity_poly.pdbx_seq_one_letter_code
;MAHHHHHHMGTLEAQTQGPGSMMAASHDDDTVDGLATAVRGGDRAALPRAITLVESTRPDHREQAQQLLLRLLPDSGNAH
RVGITGVPGVGKSTAIEALGMHLIERGHRVAVLAVDPSSTRTGGSILGDKTRMARLAVHPNAYIRPSPTSGTLGGVTRAT
RETVVLLEAAGFDVILIETVGVGQSEVAVANMVDTFVLLTLARTGDQLQGIKKGVLELADIVVVNKADGEHHKEARLAAR
ELSAAIRLIYPREALWRPPVLTMSAVEGRGLAELWDTVERHRQVLTGAGEFDARRRDQQVDWTWQLVRDAVLDRVWSNPT
VRKVRSELERRVRAGELTPALAAQQILEIANLTDR
;
_entity_poly.pdbx_strand_id   A
#
loop_
_chem_comp.id
_chem_comp.type
_chem_comp.name
_chem_comp.formula
CL non-polymer 'CHLORIDE ION' 'Cl -1'
DGI DNA linking 2'-DEOXYGUANOSINE-5'-DIPHOSPHATE 'C10 H15 N5 O10 P2'
PGE non-polymer 'TRIETHYLENE GLYCOL' 'C6 H14 O4'
#
# COMPACT_ATOMS: atom_id res chain seq x y z
N THR A 31 22.78 -15.83 14.89
CA THR A 31 22.99 -14.59 14.12
C THR A 31 21.68 -14.03 13.52
N VAL A 32 20.57 -14.78 13.59
CA VAL A 32 19.23 -14.19 13.52
C VAL A 32 19.09 -13.21 14.70
N ASP A 33 19.47 -13.67 15.89
CA ASP A 33 19.58 -12.80 17.06
C ASP A 33 20.58 -11.67 16.80
N GLY A 34 21.70 -12.01 16.18
CA GLY A 34 22.73 -11.03 15.81
C GLY A 34 22.20 -9.97 14.85
N LEU A 35 21.59 -10.43 13.77
CA LEU A 35 20.95 -9.55 12.79
C LEU A 35 19.91 -8.64 13.47
N ALA A 36 19.04 -9.20 14.31
CA ALA A 36 18.02 -8.43 15.05
C ALA A 36 18.59 -7.37 15.98
N THR A 37 19.70 -7.66 16.63
CA THR A 37 20.39 -6.67 17.46
C THR A 37 20.96 -5.52 16.60
N ALA A 38 21.57 -5.88 15.47
CA ALA A 38 22.15 -4.89 14.54
C ALA A 38 21.08 -3.96 13.95
N VAL A 39 19.99 -4.54 13.43
CA VAL A 39 18.89 -3.74 12.87
C VAL A 39 18.32 -2.74 13.89
N ARG A 40 17.92 -3.24 15.07
CA ARG A 40 17.32 -2.37 16.09
C ARG A 40 18.30 -1.38 16.73
N GLY A 41 19.60 -1.63 16.56
CA GLY A 41 20.65 -0.71 17.01
C GLY A 41 20.99 0.37 16.01
N GLY A 42 20.50 0.24 14.78
CA GLY A 42 20.66 1.31 13.79
C GLY A 42 21.72 1.01 12.74
N ASP A 43 22.35 -0.16 12.84
CA ASP A 43 23.37 -0.55 11.87
C ASP A 43 22.78 -0.49 10.45
N ARG A 44 23.32 0.42 9.64
CA ARG A 44 22.78 0.68 8.30
C ARG A 44 23.05 -0.47 7.32
N ALA A 45 24.10 -1.26 7.58
CA ALA A 45 24.43 -2.39 6.70
C ALA A 45 23.54 -3.60 6.95
N ALA A 46 23.13 -3.80 8.20
CA ALA A 46 22.26 -4.92 8.57
C ALA A 46 20.90 -4.85 7.84
N LEU A 47 20.31 -3.66 7.80
CA LEU A 47 18.95 -3.49 7.28
C LEU A 47 18.72 -4.05 5.84
N PRO A 48 19.57 -3.66 4.86
CA PRO A 48 19.42 -4.21 3.49
C PRO A 48 19.49 -5.73 3.42
N ARG A 49 20.36 -6.30 4.26
CA ARG A 49 20.56 -7.75 4.33
C ARG A 49 19.32 -8.42 4.92
N ALA A 50 18.76 -7.83 5.97
CA ALA A 50 17.48 -8.31 6.52
C ALA A 50 16.39 -8.22 5.48
N ILE A 51 16.35 -7.13 4.74
CA ILE A 51 15.33 -6.97 3.70
C ILE A 51 15.51 -8.05 2.63
N THR A 52 16.76 -8.34 2.28
CA THR A 52 17.07 -9.42 1.31
C THR A 52 16.63 -10.79 1.86
N LEU A 53 16.96 -11.09 3.10
CA LEU A 53 16.44 -12.30 3.78
C LEU A 53 14.93 -12.39 3.69
N VAL A 54 14.27 -11.26 3.96
CA VAL A 54 12.82 -11.17 3.95
C VAL A 54 12.25 -11.37 2.54
N GLU A 55 12.94 -10.81 1.54
CA GLU A 55 12.52 -10.94 0.15
C GLU A 55 12.85 -12.32 -0.46
N SER A 56 13.66 -13.13 0.22
CA SER A 56 14.04 -14.46 -0.27
C SER A 56 12.84 -15.40 -0.33
N THR A 57 12.56 -15.93 -1.52
CA THR A 57 11.54 -16.94 -1.71
C THR A 57 12.06 -18.35 -1.31
N ARG A 58 13.36 -18.48 -1.10
CA ARG A 58 13.97 -19.77 -0.68
C ARG A 58 13.39 -20.22 0.66
N PRO A 59 12.66 -21.36 0.68
CA PRO A 59 11.99 -21.89 1.89
C PRO A 59 12.80 -21.92 3.19
N ASP A 60 14.12 -22.06 3.13
CA ASP A 60 14.96 -21.97 4.35
C ASP A 60 15.13 -20.52 4.84
N HIS A 61 15.21 -19.57 3.92
CA HIS A 61 15.25 -18.14 4.29
C HIS A 61 13.92 -17.68 4.90
N ARG A 62 12.80 -18.16 4.35
CA ARG A 62 11.48 -17.83 4.91
C ARG A 62 11.40 -18.13 6.40
N GLU A 63 12.01 -19.23 6.83
CA GLU A 63 11.98 -19.65 8.23
C GLU A 63 12.85 -18.77 9.13
N GLN A 64 14.01 -18.38 8.63
CA GLN A 64 14.86 -17.43 9.35
C GLN A 64 14.15 -16.08 9.41
N ALA A 65 13.64 -15.65 8.25
CA ALA A 65 12.94 -14.38 8.15
C ALA A 65 11.85 -14.28 9.21
N GLN A 66 11.10 -15.36 9.37
CA GLN A 66 10.04 -15.37 10.37
C GLN A 66 10.50 -15.24 11.80
N GLN A 67 11.65 -15.82 12.14
CA GLN A 67 12.20 -15.70 13.49
C GLN A 67 12.73 -14.29 13.73
N LEU A 68 13.33 -13.72 12.71
CA LEU A 68 13.83 -12.35 12.76
C LEU A 68 12.68 -11.38 13.00
N LEU A 69 11.63 -11.51 12.20
CA LEU A 69 10.44 -10.66 12.34
C LEU A 69 9.82 -10.83 13.69
N LEU A 70 9.76 -12.08 14.19
CA LEU A 70 9.23 -12.33 15.52
C LEU A 70 10.03 -11.57 16.55
N ARG A 71 11.34 -11.52 16.37
CA ARG A 71 12.21 -10.81 17.32
C ARG A 71 12.06 -9.29 17.23
N LEU A 72 11.79 -8.79 16.02
CA LEU A 72 11.70 -7.32 15.80
C LEU A 72 10.29 -6.75 15.94
N LEU A 73 9.29 -7.61 15.84
CA LEU A 73 7.91 -7.22 16.00
C LEU A 73 7.68 -6.24 17.15
N PRO A 74 8.24 -6.51 18.35
CA PRO A 74 8.00 -5.61 19.47
C PRO A 74 8.62 -4.22 19.36
N ASP A 75 9.62 -4.08 18.49
CA ASP A 75 10.26 -2.78 18.24
C ASP A 75 9.59 -1.99 17.10
N SER A 76 8.54 -2.55 16.49
CA SER A 76 7.91 -1.93 15.32
C SER A 76 6.65 -1.18 15.72
N GLY A 77 5.96 -0.57 14.76
CA GLY A 77 4.67 0.08 15.02
C GLY A 77 4.74 1.55 15.36
N ASN A 78 5.93 2.03 15.69
CA ASN A 78 6.10 3.43 16.03
C ASN A 78 6.33 4.35 14.87
N ALA A 79 5.33 4.41 14.01
CA ALA A 79 5.48 5.04 12.74
C ALA A 79 4.10 5.32 12.17
N HIS A 80 4.07 6.23 11.22
CA HIS A 80 2.86 6.49 10.45
C HIS A 80 3.10 5.93 9.06
N ARG A 81 2.27 4.97 8.65
CA ARG A 81 2.34 4.36 7.35
C ARG A 81 1.32 5.02 6.42
N VAL A 82 1.81 5.54 5.30
CA VAL A 82 0.99 6.31 4.39
C VAL A 82 1.11 5.71 3.03
N GLY A 83 -0.05 5.37 2.45
CA GLY A 83 -0.14 4.91 1.05
C GLY A 83 -0.43 6.04 0.07
N ILE A 84 0.16 5.98 -1.12
CA ILE A 84 0.07 7.02 -2.11
C ILE A 84 -0.18 6.36 -3.47
N THR A 85 -1.31 6.71 -4.06
CA THR A 85 -1.63 6.19 -5.35
C THR A 85 -2.15 7.26 -6.33
N GLY A 86 -2.32 6.86 -7.59
CA GLY A 86 -2.80 7.74 -8.64
C GLY A 86 -2.22 7.27 -9.98
N VAL A 87 -2.78 7.78 -11.08
CA VAL A 87 -2.38 7.28 -12.41
C VAL A 87 -0.96 7.67 -12.80
N PRO A 88 -0.31 6.89 -13.70
CA PRO A 88 0.96 7.28 -14.24
C PRO A 88 0.95 8.70 -14.72
N GLY A 89 1.96 9.47 -14.32
CA GLY A 89 2.08 10.89 -14.65
C GLY A 89 1.28 11.89 -13.84
N VAL A 90 0.49 11.44 -12.84
CA VAL A 90 -0.22 12.36 -11.98
C VAL A 90 0.70 13.17 -11.07
N GLY A 91 1.85 12.59 -10.75
CA GLY A 91 2.91 13.29 -10.00
C GLY A 91 3.29 12.67 -8.66
N LYS A 92 3.09 11.36 -8.54
CA LYS A 92 3.39 10.65 -7.31
C LYS A 92 4.87 10.79 -6.91
N SER A 93 5.80 10.54 -7.81
CA SER A 93 7.19 10.51 -7.33
C SER A 93 7.68 11.90 -7.04
N THR A 94 7.22 12.89 -7.78
CA THR A 94 7.51 14.28 -7.47
C THR A 94 6.97 14.68 -6.06
N ALA A 95 5.70 14.37 -5.80
CA ALA A 95 5.11 14.65 -4.48
C ALA A 95 5.87 13.92 -3.35
N ILE A 96 6.21 12.65 -3.57
CA ILE A 96 6.92 11.85 -2.57
C ILE A 96 8.30 12.43 -2.24
N GLU A 97 9.06 12.84 -3.25
CA GLU A 97 10.37 13.44 -3.04
C GLU A 97 10.22 14.72 -2.20
N ALA A 98 9.25 15.56 -2.57
CA ALA A 98 9.00 16.81 -1.87
C ALA A 98 8.53 16.57 -0.43
N LEU A 99 7.62 15.63 -0.25
CA LEU A 99 7.10 15.32 1.07
C LEU A 99 8.22 14.76 1.94
N GLY A 100 9.02 13.87 1.35
CA GLY A 100 10.10 13.24 2.07
C GLY A 100 11.11 14.29 2.55
N MET A 101 11.38 15.29 1.75
CA MET A 101 12.32 16.36 2.22
C MET A 101 11.65 17.24 3.32
N HIS A 102 10.40 17.61 3.10
CA HIS A 102 9.56 18.29 4.11
C HIS A 102 9.74 17.59 5.46
N LEU A 103 9.63 16.27 5.44
CA LEU A 103 9.65 15.47 6.66
C LEU A 103 11.03 15.31 7.30
N ILE A 104 12.03 15.03 6.47
CA ILE A 104 13.39 14.98 6.93
C ILE A 104 13.79 16.25 7.63
N GLU A 105 13.35 17.40 7.11
CA GLU A 105 13.73 18.70 7.68
C GLU A 105 13.03 18.97 9.02
N ARG A 106 11.98 18.20 9.29
CA ARG A 106 11.26 18.19 10.56
C ARG A 106 11.66 17.08 11.53
N GLY A 107 12.76 16.39 11.23
CA GLY A 107 13.35 15.45 12.17
C GLY A 107 12.87 14.00 11.99
N HIS A 108 12.11 13.72 10.95
CA HIS A 108 11.66 12.35 10.74
C HIS A 108 12.72 11.52 10.00
N ARG A 109 12.63 10.19 10.14
CA ARG A 109 13.36 9.29 9.27
C ARG A 109 12.34 8.57 8.38
N VAL A 110 12.51 8.74 7.08
CA VAL A 110 11.51 8.44 6.07
C VAL A 110 11.90 7.30 5.14
N ALA A 111 11.04 6.29 5.04
CA ALA A 111 11.26 5.23 4.09
C ALA A 111 10.20 5.27 3.00
N VAL A 112 10.65 4.95 1.79
CA VAL A 112 9.82 4.91 0.60
C VAL A 112 9.88 3.51 -0.03
N LEU A 113 8.73 2.85 -0.12
CA LEU A 113 8.63 1.54 -0.76
C LEU A 113 7.66 1.67 -1.91
N ALA A 114 7.77 0.77 -2.86
CA ALA A 114 6.87 0.78 -3.98
C ALA A 114 6.30 -0.63 -4.20
N VAL A 115 5.00 -0.70 -4.47
CA VAL A 115 4.34 -1.98 -4.75
C VAL A 115 3.79 -1.98 -6.18
N ASP A 116 4.58 -2.47 -7.14
CA ASP A 116 4.12 -2.59 -8.52
C ASP A 116 3.63 -4.01 -8.80
N MET A 133 13.70 10.58 -7.43
CA MET A 133 13.81 10.82 -5.99
C MET A 133 15.25 10.89 -5.53
N ALA A 134 16.09 11.55 -6.32
CA ALA A 134 17.53 11.57 -6.08
C ALA A 134 17.92 12.51 -4.93
N ARG A 135 17.29 13.69 -4.87
CA ARG A 135 17.56 14.60 -3.76
C ARG A 135 17.29 13.84 -2.46
N LEU A 136 16.23 13.02 -2.46
CA LEU A 136 15.83 12.28 -1.29
C LEU A 136 16.72 11.09 -0.97
N ALA A 137 17.04 10.27 -1.96
CA ALA A 137 17.83 9.05 -1.75
C ALA A 137 19.26 9.30 -1.26
N VAL A 138 19.79 10.50 -1.48
CA VAL A 138 21.13 10.86 -1.00
C VAL A 138 21.15 11.13 0.50
N HIS A 139 20.00 11.47 1.08
CA HIS A 139 19.97 11.90 2.48
C HIS A 139 20.08 10.70 3.42
N PRO A 140 20.92 10.78 4.49
CA PRO A 140 21.07 9.62 5.40
C PRO A 140 19.81 9.24 6.22
N ASN A 141 18.85 10.14 6.38
CA ASN A 141 17.63 9.85 7.14
C ASN A 141 16.46 9.38 6.25
N ALA A 142 16.72 9.19 4.94
CA ALA A 142 15.80 8.53 4.02
C ALA A 142 16.32 7.14 3.65
N TYR A 143 15.39 6.23 3.34
CA TYR A 143 15.70 4.94 2.70
C TYR A 143 14.68 4.72 1.60
N ILE A 144 15.16 4.57 0.37
CA ILE A 144 14.33 4.30 -0.81
C ILE A 144 14.61 2.88 -1.31
N ARG A 145 13.58 2.09 -1.54
CA ARG A 145 13.70 0.72 -2.05
C ARG A 145 12.81 0.51 -3.28
N THR A 152 4.32 -11.80 -8.16
CA THR A 152 2.94 -12.02 -7.70
C THR A 152 2.55 -10.92 -6.73
N LEU A 153 1.32 -10.42 -6.84
CA LEU A 153 0.82 -9.40 -5.89
C LEU A 153 0.92 -9.95 -4.45
N GLY A 154 0.57 -11.22 -4.26
CA GLY A 154 0.68 -11.87 -2.95
C GLY A 154 2.10 -11.83 -2.42
N GLY A 155 3.03 -12.13 -3.31
CA GLY A 155 4.45 -12.17 -2.98
C GLY A 155 5.04 -10.80 -2.67
N VAL A 156 4.76 -9.81 -3.51
CA VAL A 156 5.23 -8.45 -3.27
C VAL A 156 4.54 -7.81 -2.04
N THR A 157 3.26 -8.12 -1.85
CA THR A 157 2.50 -7.64 -0.72
C THR A 157 3.14 -8.18 0.54
N ARG A 158 3.44 -9.48 0.54
CA ARG A 158 4.03 -10.11 1.70
C ARG A 158 5.39 -9.50 2.01
N ALA A 159 6.21 -9.33 0.98
CA ALA A 159 7.55 -8.82 1.19
C ALA A 159 7.54 -7.35 1.66
N THR A 160 6.59 -6.57 1.16
CA THR A 160 6.44 -5.17 1.55
C THR A 160 6.01 -5.06 3.01
N ARG A 161 5.01 -5.85 3.43
CA ARG A 161 4.54 -5.85 4.81
C ARG A 161 5.59 -6.23 5.79
N GLU A 162 6.37 -7.25 5.45
CA GLU A 162 7.47 -7.67 6.33
C GLU A 162 8.60 -6.64 6.37
N THR A 163 8.90 -6.05 5.23
CA THR A 163 9.88 -4.97 5.17
C THR A 163 9.51 -3.74 6.05
N VAL A 164 8.22 -3.41 6.15
CA VAL A 164 7.75 -2.35 7.04
C VAL A 164 8.15 -2.65 8.49
N VAL A 165 8.03 -3.91 8.90
CA VAL A 165 8.38 -4.28 10.24
C VAL A 165 9.88 -3.99 10.48
N LEU A 166 10.75 -4.37 9.53
CA LEU A 166 12.19 -4.12 9.64
C LEU A 166 12.52 -2.64 9.72
N LEU A 167 11.92 -1.87 8.82
CA LEU A 167 12.12 -0.41 8.79
C LEU A 167 11.70 0.24 10.09
N GLU A 168 10.54 -0.14 10.62
CA GLU A 168 10.09 0.49 11.88
C GLU A 168 11.03 0.11 13.02
N ALA A 169 11.44 -1.16 13.03
CA ALA A 169 12.41 -1.62 14.04
C ALA A 169 13.72 -0.85 13.93
N ALA A 170 14.13 -0.52 12.70
CA ALA A 170 15.35 0.28 12.46
C ALA A 170 15.25 1.79 12.70
N GLY A 171 14.15 2.26 13.28
CA GLY A 171 14.01 3.70 13.61
C GLY A 171 13.28 4.59 12.62
N PHE A 172 12.71 4.02 11.55
CA PHE A 172 11.95 4.81 10.59
C PHE A 172 10.57 5.11 11.16
N ASP A 173 10.20 6.39 11.20
CA ASP A 173 8.92 6.78 11.81
C ASP A 173 7.88 7.24 10.78
N VAL A 174 8.27 7.36 9.52
CA VAL A 174 7.34 7.55 8.41
C VAL A 174 7.61 6.57 7.28
N ILE A 175 6.59 5.84 6.89
CA ILE A 175 6.74 4.87 5.84
C ILE A 175 5.80 5.26 4.72
N LEU A 176 6.34 5.64 3.57
CA LEU A 176 5.50 5.99 2.44
C LEU A 176 5.50 4.82 1.45
N ILE A 177 4.31 4.33 1.11
CA ILE A 177 4.18 3.17 0.21
C ILE A 177 3.42 3.57 -1.04
N GLU A 178 4.13 3.59 -2.17
CA GLU A 178 3.61 4.04 -3.43
C GLU A 178 3.09 2.86 -4.27
N THR A 179 1.95 3.06 -4.94
CA THR A 179 1.49 2.09 -5.94
C THR A 179 0.78 2.74 -7.13
N VAL A 180 0.58 1.95 -8.18
CA VAL A 180 -0.24 2.35 -9.35
C VAL A 180 -1.37 1.34 -9.53
N GLY A 181 -2.21 1.56 -10.55
CA GLY A 181 -3.45 0.79 -10.72
C GLY A 181 -3.37 -0.68 -11.11
N VAL A 182 -2.19 -1.29 -10.97
CA VAL A 182 -1.93 -2.66 -11.42
C VAL A 182 -2.70 -3.70 -10.61
N GLY A 183 -3.59 -4.45 -11.27
CA GLY A 183 -4.43 -5.43 -10.60
C GLY A 183 -5.11 -4.83 -9.38
N GLN A 184 -5.05 -5.59 -8.27
CA GLN A 184 -5.61 -5.19 -6.95
C GLN A 184 -4.55 -4.53 -6.03
N SER A 185 -3.58 -3.84 -6.65
CA SER A 185 -2.50 -3.21 -5.88
C SER A 185 -2.98 -2.10 -4.92
N GLU A 186 -3.97 -1.31 -5.31
CA GLU A 186 -4.47 -0.25 -4.43
C GLU A 186 -5.04 -0.80 -3.14
N VAL A 187 -5.82 -1.87 -3.23
CA VAL A 187 -6.46 -2.43 -2.05
C VAL A 187 -5.44 -3.03 -1.15
N ALA A 188 -4.45 -3.70 -1.72
CA ALA A 188 -3.34 -4.30 -0.96
C ALA A 188 -2.57 -3.23 -0.15
N VAL A 189 -2.23 -2.12 -0.78
CA VAL A 189 -1.54 -1.02 -0.06
C VAL A 189 -2.46 -0.40 0.99
N ALA A 190 -3.72 -0.16 0.67
CA ALA A 190 -4.67 0.48 1.62
C ALA A 190 -4.78 -0.38 2.88
N ASN A 191 -4.69 -1.70 2.72
CA ASN A 191 -4.77 -2.64 3.81
C ASN A 191 -3.49 -2.80 4.64
N MET A 192 -2.40 -2.16 4.26
CA MET A 192 -1.22 -2.18 5.07
C MET A 192 -0.75 -0.82 5.55
N VAL A 193 -1.55 0.23 5.36
CA VAL A 193 -1.20 1.57 5.78
C VAL A 193 -2.25 2.16 6.74
N ASP A 194 -1.89 3.26 7.40
CA ASP A 194 -2.82 3.96 8.34
C ASP A 194 -3.68 4.98 7.58
N THR A 195 -3.09 5.56 6.53
CA THR A 195 -3.67 6.70 5.83
C THR A 195 -3.39 6.48 4.36
N PHE A 196 -4.45 6.46 3.53
CA PHE A 196 -4.29 6.20 2.09
C PHE A 196 -4.67 7.47 1.32
N VAL A 197 -3.74 7.96 0.49
CA VAL A 197 -3.88 9.21 -0.19
C VAL A 197 -3.98 8.91 -1.71
N LEU A 198 -5.02 9.47 -2.30
CA LEU A 198 -5.23 9.46 -3.75
C LEU A 198 -4.95 10.82 -4.40
N LEU A 199 -4.02 10.85 -5.38
CA LEU A 199 -3.72 12.02 -6.14
C LEU A 199 -4.55 11.92 -7.41
N THR A 200 -5.12 13.03 -7.83
CA THR A 200 -5.93 13.13 -9.00
C THR A 200 -5.47 14.36 -9.77
N LEU A 201 -6.04 14.55 -10.96
CA LEU A 201 -5.72 15.68 -11.80
C LEU A 201 -6.57 16.88 -11.43
N ALA A 202 -6.04 18.09 -11.61
CA ALA A 202 -6.77 19.31 -11.28
C ALA A 202 -7.60 19.87 -12.43
N ARG A 203 -8.42 19.01 -13.04
CA ARG A 203 -9.27 19.37 -14.17
C ARG A 203 -10.70 19.03 -13.83
N THR A 204 -11.56 20.05 -13.95
CA THR A 204 -13.01 19.92 -13.67
C THR A 204 -13.53 18.88 -14.62
N GLY A 205 -14.26 17.95 -14.05
CA GLY A 205 -14.87 16.86 -14.80
C GLY A 205 -13.95 15.79 -15.26
N ASP A 206 -12.66 15.82 -14.93
CA ASP A 206 -11.72 14.81 -15.41
C ASP A 206 -10.70 14.35 -14.34
N GLN A 207 -11.03 14.55 -13.07
CA GLN A 207 -10.09 14.34 -12.01
C GLN A 207 -9.70 12.90 -11.89
N LEU A 208 -10.68 12.01 -12.11
CA LEU A 208 -10.47 10.59 -11.93
C LEU A 208 -10.22 9.77 -13.21
N GLN A 209 -9.93 10.44 -14.30
CA GLN A 209 -9.57 9.70 -15.56
C GLN A 209 -8.53 8.66 -15.26
N GLY A 210 -8.78 7.42 -15.69
CA GLY A 210 -7.81 6.33 -15.61
C GLY A 210 -7.73 5.60 -14.30
N ILE A 211 -8.49 6.03 -13.30
CA ILE A 211 -8.50 5.37 -11.99
C ILE A 211 -9.50 4.20 -12.01
N LYS A 212 -9.16 3.05 -11.43
CA LYS A 212 -10.10 1.94 -11.32
C LYS A 212 -11.29 2.34 -10.46
N LYS A 213 -12.51 2.04 -10.87
CA LYS A 213 -13.63 2.49 -10.06
C LYS A 213 -13.63 1.73 -8.72
N GLY A 214 -14.05 2.38 -7.65
CA GLY A 214 -13.88 1.84 -6.32
C GLY A 214 -12.68 2.37 -5.58
N VAL A 215 -11.72 2.93 -6.31
CA VAL A 215 -10.50 3.44 -5.67
C VAL A 215 -10.73 4.71 -4.88
N LEU A 216 -11.58 5.59 -5.37
CA LEU A 216 -12.00 6.76 -4.66
C LEU A 216 -12.41 6.48 -3.20
N GLU A 217 -13.13 5.38 -3.00
CA GLU A 217 -13.63 5.00 -1.67
C GLU A 217 -12.55 4.44 -0.74
N LEU A 218 -11.40 4.07 -1.28
CA LEU A 218 -10.26 3.74 -0.43
C LEU A 218 -9.55 4.94 0.21
N ALA A 219 -9.74 6.12 -0.35
CA ALA A 219 -8.96 7.26 0.05
C ALA A 219 -9.38 7.86 1.41
N ASP A 220 -8.40 8.09 2.29
CA ASP A 220 -8.60 8.91 3.47
C ASP A 220 -8.42 10.40 3.23
N ILE A 221 -7.68 10.73 2.17
CA ILE A 221 -7.44 12.09 1.79
C ILE A 221 -7.31 12.04 0.28
N VAL A 222 -7.91 13.01 -0.38
CA VAL A 222 -7.85 13.12 -1.84
C VAL A 222 -7.14 14.44 -2.17
N VAL A 223 -6.23 14.39 -3.13
CA VAL A 223 -5.44 15.57 -3.51
C VAL A 223 -5.56 15.84 -5.01
N VAL A 224 -5.94 17.05 -5.39
CA VAL A 224 -5.91 17.42 -6.78
C VAL A 224 -4.53 18.05 -7.01
N ASN A 225 -3.69 17.31 -7.70
CA ASN A 225 -2.32 17.72 -7.98
C ASN A 225 -2.18 18.57 -9.26
N LYS A 226 -1.05 19.26 -9.39
CA LYS A 226 -0.77 20.12 -10.56
C LYS A 226 -1.67 21.33 -10.57
N ALA A 227 -1.97 21.86 -9.39
CA ALA A 227 -2.79 23.04 -9.28
C ALA A 227 -1.90 24.27 -9.50
N ASP A 228 -1.47 24.44 -10.75
CA ASP A 228 -0.53 25.51 -11.17
C ASP A 228 -0.72 25.88 -12.66
N GLY A 229 0.12 26.79 -13.13
CA GLY A 229 0.08 27.25 -14.52
C GLY A 229 -1.30 27.80 -14.81
N GLU A 230 -1.92 27.26 -15.86
CA GLU A 230 -3.21 27.74 -16.33
C GLU A 230 -4.39 27.17 -15.54
N HIS A 231 -4.14 26.41 -14.46
CA HIS A 231 -5.25 25.74 -13.73
C HIS A 231 -5.40 26.05 -12.21
N HIS A 232 -4.94 27.21 -11.72
CA HIS A 232 -5.20 27.63 -10.32
C HIS A 232 -6.70 27.66 -9.97
N LYS A 233 -7.46 28.51 -10.66
CA LYS A 233 -8.90 28.61 -10.44
C LYS A 233 -9.60 27.27 -10.73
N GLU A 234 -9.21 26.60 -11.80
CA GLU A 234 -9.82 25.34 -12.16
C GLU A 234 -9.62 24.26 -11.08
N ALA A 235 -8.41 24.22 -10.47
CA ALA A 235 -8.11 23.26 -9.43
C ALA A 235 -9.05 23.45 -8.25
N ARG A 236 -9.40 24.69 -7.92
CA ARG A 236 -10.31 24.95 -6.81
C ARG A 236 -11.70 24.40 -7.13
N LEU A 237 -12.15 24.61 -8.36
CA LEU A 237 -13.42 24.07 -8.82
C LEU A 237 -13.41 22.56 -8.87
N ALA A 238 -12.29 21.99 -9.35
CA ALA A 238 -12.16 20.54 -9.42
C ALA A 238 -12.21 19.87 -8.02
N ALA A 239 -11.60 20.54 -7.06
CA ALA A 239 -11.58 20.11 -5.69
C ALA A 239 -13.02 20.19 -5.12
N ARG A 240 -13.74 21.25 -5.42
CA ARG A 240 -15.10 21.42 -4.93
C ARG A 240 -16.04 20.35 -5.52
N GLU A 241 -15.82 19.94 -6.76
CA GLU A 241 -16.57 18.86 -7.36
C GLU A 241 -16.31 17.52 -6.66
N LEU A 242 -15.04 17.19 -6.40
CA LEU A 242 -14.75 15.97 -5.68
C LEU A 242 -15.31 16.02 -4.26
N SER A 243 -15.18 17.17 -3.59
CA SER A 243 -15.75 17.31 -2.26
C SER A 243 -17.25 17.02 -2.31
N ALA A 244 -17.95 17.54 -3.33
CA ALA A 244 -19.42 17.28 -3.46
C ALA A 244 -19.70 15.78 -3.55
N ALA A 245 -18.90 15.07 -4.34
CA ALA A 245 -19.10 13.65 -4.49
C ALA A 245 -18.79 12.90 -3.22
N ILE A 246 -17.76 13.33 -2.51
CA ILE A 246 -17.39 12.69 -1.25
CA ILE A 246 -17.38 12.72 -1.24
C ILE A 246 -18.51 12.91 -0.22
N ARG A 247 -19.16 14.08 -0.28
CA ARG A 247 -20.31 14.37 0.63
C ARG A 247 -21.46 13.43 0.32
N LEU A 248 -21.63 13.08 -0.95
CA LEU A 248 -22.68 12.13 -1.38
C LEU A 248 -22.38 10.73 -0.95
N ILE A 249 -21.10 10.35 -1.01
CA ILE A 249 -20.67 9.03 -0.67
C ILE A 249 -20.57 8.83 0.84
N TYR A 250 -20.38 9.92 1.61
CA TYR A 250 -20.22 9.84 3.05
C TYR A 250 -21.19 10.81 3.74
N PRO A 251 -22.52 10.69 3.45
CA PRO A 251 -23.46 11.79 3.79
C PRO A 251 -23.62 12.09 5.28
N ARG A 252 -23.48 11.05 6.11
CA ARG A 252 -23.66 11.22 7.55
C ARG A 252 -22.44 10.69 8.32
N GLU A 253 -21.25 10.75 7.69
CA GLU A 253 -20.01 10.31 8.35
C GLU A 253 -19.74 11.18 9.57
N ALA A 254 -19.53 10.60 10.73
CA ALA A 254 -19.27 11.49 11.88
C ALA A 254 -17.76 11.60 12.24
N LEU A 255 -16.95 10.59 11.91
CA LEU A 255 -15.54 10.59 12.41
C LEU A 255 -14.59 11.26 11.42
N TRP A 256 -14.54 10.77 10.18
CA TRP A 256 -13.56 11.30 9.21
C TRP A 256 -14.14 11.24 7.79
N ARG A 257 -14.55 12.37 7.28
CA ARG A 257 -14.93 12.51 5.88
C ARG A 257 -13.72 12.97 5.11
N PRO A 258 -13.31 12.20 4.12
CA PRO A 258 -12.05 12.50 3.38
C PRO A 258 -11.99 13.92 2.86
N PRO A 259 -11.05 14.71 3.35
CA PRO A 259 -10.85 16.04 2.81
C PRO A 259 -10.26 15.99 1.39
N VAL A 260 -10.52 17.03 0.62
CA VAL A 260 -10.01 17.13 -0.70
C VAL A 260 -9.11 18.40 -0.68
N LEU A 261 -7.85 18.24 -1.08
CA LEU A 261 -6.92 19.35 -0.98
C LEU A 261 -6.38 19.62 -2.38
N THR A 262 -5.82 20.79 -2.61
CA THR A 262 -5.06 21.07 -3.85
C THR A 262 -3.57 21.08 -3.56
N MET A 263 -2.75 20.84 -4.58
CA MET A 263 -1.29 20.78 -4.43
C MET A 263 -0.62 21.12 -5.74
N SER A 264 0.58 21.71 -5.70
CA SER A 264 1.45 21.73 -6.88
C SER A 264 2.76 21.09 -6.43
N ALA A 265 2.85 19.77 -6.58
CA ALA A 265 3.99 19.00 -6.14
C ALA A 265 5.30 19.50 -6.78
N VAL A 266 5.22 19.98 -8.02
CA VAL A 266 6.40 20.47 -8.75
C VAL A 266 6.78 21.87 -8.27
N GLU A 267 5.85 22.67 -7.77
CA GLU A 267 6.23 23.98 -7.18
C GLU A 267 6.36 23.90 -5.67
N GLY A 268 6.41 22.67 -5.14
CA GLY A 268 6.44 22.47 -3.70
C GLY A 268 5.34 23.18 -2.91
N ARG A 269 4.14 23.35 -3.48
CA ARG A 269 3.03 24.03 -2.75
C ARG A 269 1.86 23.09 -2.36
N GLY A 270 1.42 23.13 -1.10
CA GLY A 270 0.41 22.20 -0.57
C GLY A 270 0.95 20.92 0.05
N LEU A 271 2.27 20.68 -0.06
CA LEU A 271 2.85 19.50 0.58
C LEU A 271 2.72 19.56 2.09
N ALA A 272 3.03 20.72 2.67
CA ALA A 272 3.02 20.86 4.13
C ALA A 272 1.59 20.65 4.62
N GLU A 273 0.66 21.25 3.93
CA GLU A 273 -0.74 21.18 4.27
C GLU A 273 -1.26 19.73 4.12
N LEU A 274 -0.77 19.01 3.11
CA LEU A 274 -1.07 17.59 2.97
C LEU A 274 -0.63 16.80 4.21
N TRP A 275 0.62 17.03 4.65
CA TRP A 275 1.11 16.32 5.82
C TRP A 275 0.33 16.74 7.08
N ASP A 276 -0.05 18.03 7.19
CA ASP A 276 -0.85 18.51 8.33
C ASP A 276 -2.16 17.68 8.41
N THR A 277 -2.72 17.41 7.26
CA THR A 277 -3.95 16.60 7.17
C THR A 277 -3.72 15.14 7.48
N VAL A 278 -2.60 14.62 7.03
CA VAL A 278 -2.24 13.24 7.42
C VAL A 278 -2.10 13.13 8.95
N GLU A 279 -1.46 14.12 9.60
CA GLU A 279 -1.36 14.08 11.06
C GLU A 279 -2.71 14.19 11.74
N ARG A 280 -3.55 15.07 11.25
CA ARG A 280 -4.97 15.20 11.75
C ARG A 280 -5.74 13.91 11.61
N HIS A 281 -5.57 13.22 10.49
CA HIS A 281 -6.16 11.87 10.33
C HIS A 281 -5.80 10.90 11.48
N ARG A 282 -4.51 10.76 11.79
CA ARG A 282 -4.07 9.96 12.88
C ARG A 282 -4.61 10.47 14.20
N GLN A 283 -4.62 11.77 14.41
CA GLN A 283 -5.09 12.33 15.70
C GLN A 283 -6.56 12.03 15.88
N VAL A 284 -7.34 12.26 14.83
CA VAL A 284 -8.77 11.98 14.89
C VAL A 284 -9.03 10.48 15.16
N LEU A 285 -8.41 9.59 14.38
CA LEU A 285 -8.61 8.16 14.55
C LEU A 285 -8.09 7.66 15.94
N THR A 286 -6.97 8.18 16.38
CA THR A 286 -6.42 7.81 17.68
C THR A 286 -7.37 8.23 18.82
N GLY A 287 -7.90 9.45 18.78
CA GLY A 287 -8.86 9.87 19.77
C GLY A 287 -10.10 9.03 19.82
N ALA A 288 -10.48 8.38 18.73
CA ALA A 288 -11.62 7.46 18.73
C ALA A 288 -11.25 6.00 19.01
N GLY A 289 -10.00 5.73 19.32
CA GLY A 289 -9.50 4.34 19.43
C GLY A 289 -9.53 3.55 18.14
N GLU A 290 -9.58 4.20 16.98
CA GLU A 290 -9.67 3.48 15.73
C GLU A 290 -8.33 3.27 15.00
N PHE A 291 -7.30 4.01 15.38
CA PHE A 291 -6.02 3.90 14.71
C PHE A 291 -5.46 2.49 15.01
N ASP A 292 -5.40 2.16 16.28
CA ASP A 292 -4.97 0.80 16.68
C ASP A 292 -5.90 -0.30 16.23
N ALA A 293 -7.21 -0.05 16.28
CA ALA A 293 -8.20 -1.01 15.78
C ALA A 293 -8.02 -1.41 14.30
N ARG A 294 -7.84 -0.42 13.42
CA ARG A 294 -7.54 -0.63 11.99
C ARG A 294 -6.30 -1.53 11.84
N ARG A 295 -5.23 -1.24 12.54
CA ARG A 295 -4.04 -2.06 12.44
C ARG A 295 -4.28 -3.51 12.84
N ARG A 296 -4.96 -3.70 13.96
CA ARG A 296 -5.20 -5.03 14.50
C ARG A 296 -6.04 -5.82 13.54
N ASP A 297 -7.07 -5.19 13.00
CA ASP A 297 -7.89 -5.80 11.96
C ASP A 297 -7.15 -6.15 10.69
N GLN A 298 -6.29 -5.24 10.21
CA GLN A 298 -5.46 -5.51 9.03
C GLN A 298 -4.57 -6.76 9.25
N GLN A 299 -3.98 -6.84 10.42
CA GLN A 299 -3.08 -7.95 10.75
C GLN A 299 -3.83 -9.29 10.78
N VAL A 300 -4.98 -9.31 11.44
CA VAL A 300 -5.83 -10.49 11.43
C VAL A 300 -6.27 -10.83 10.01
N ASP A 301 -6.75 -9.85 9.24
CA ASP A 301 -7.14 -10.10 7.85
C ASP A 301 -6.00 -10.68 7.04
N TRP A 302 -4.79 -10.15 7.25
CA TRP A 302 -3.66 -10.60 6.48
C TRP A 302 -3.32 -12.07 6.83
N THR A 303 -3.41 -12.40 8.11
CA THR A 303 -3.21 -13.78 8.58
C THR A 303 -4.10 -14.75 7.81
N TRP A 304 -5.39 -14.43 7.71
CA TRP A 304 -6.29 -15.31 6.97
C TRP A 304 -6.04 -15.29 5.46
N GLN A 305 -5.52 -14.18 4.93
CA GLN A 305 -5.19 -14.15 3.53
C GLN A 305 -4.03 -15.10 3.27
N LEU A 306 -3.05 -15.12 4.17
CA LEU A 306 -1.93 -16.05 4.03
C LEU A 306 -2.40 -17.52 4.05
N VAL A 307 -3.36 -17.83 4.91
CA VAL A 307 -3.97 -19.17 4.98
C VAL A 307 -4.65 -19.51 3.66
N ARG A 308 -5.47 -18.57 3.17
CA ARG A 308 -6.18 -18.71 1.91
C ARG A 308 -5.22 -18.98 0.77
N ASP A 309 -4.18 -18.14 0.68
CA ASP A 309 -3.24 -18.24 -0.43
C ASP A 309 -2.45 -19.54 -0.37
N ALA A 310 -2.11 -20.03 0.82
CA ALA A 310 -1.45 -21.30 0.96
C ALA A 310 -2.30 -22.46 0.43
N VAL A 311 -3.58 -22.50 0.78
CA VAL A 311 -4.38 -23.65 0.35
C VAL A 311 -4.80 -23.53 -1.10
N LEU A 312 -5.10 -22.32 -1.55
CA LEU A 312 -5.46 -22.12 -2.96
C LEU A 312 -4.29 -22.37 -3.91
N ASP A 313 -3.08 -22.00 -3.52
CA ASP A 313 -1.86 -22.24 -4.31
C ASP A 313 -1.66 -23.69 -4.70
N ARG A 314 -1.98 -24.61 -3.79
CA ARG A 314 -1.87 -26.03 -4.10
C ARG A 314 -2.64 -26.36 -5.38
N VAL A 315 -3.79 -25.69 -5.59
CA VAL A 315 -4.61 -25.95 -6.77
C VAL A 315 -4.17 -25.11 -7.97
N TRP A 316 -4.13 -23.79 -7.78
CA TRP A 316 -3.79 -22.82 -8.83
C TRP A 316 -2.46 -23.08 -9.54
N SER A 317 -1.45 -23.50 -8.80
CA SER A 317 -0.12 -23.70 -9.36
C SER A 317 0.18 -25.16 -9.78
N ASN A 318 -0.81 -26.02 -9.68
CA ASN A 318 -0.69 -27.40 -10.13
C ASN A 318 -0.57 -27.44 -11.68
N PRO A 319 0.53 -27.98 -12.23
CA PRO A 319 0.66 -27.98 -13.71
C PRO A 319 -0.49 -28.65 -14.48
N THR A 320 -1.02 -29.73 -13.95
CA THR A 320 -2.10 -30.43 -14.59
C THR A 320 -3.41 -29.63 -14.55
N VAL A 321 -3.63 -28.89 -13.48
CA VAL A 321 -4.79 -27.99 -13.44
C VAL A 321 -4.53 -26.94 -14.50
N ARG A 322 -3.30 -26.45 -14.58
CA ARG A 322 -2.94 -25.40 -15.57
C ARG A 322 -3.21 -25.88 -17.00
N LYS A 323 -2.82 -27.13 -17.31
CA LYS A 323 -3.05 -27.71 -18.63
C LYS A 323 -4.51 -27.74 -19.03
N VAL A 324 -5.38 -28.22 -18.14
CA VAL A 324 -6.80 -28.44 -18.49
C VAL A 324 -7.73 -27.24 -18.25
N ARG A 325 -7.22 -26.17 -17.64
CA ARG A 325 -8.06 -25.00 -17.32
C ARG A 325 -8.85 -24.44 -18.50
N SER A 326 -8.17 -24.21 -19.63
CA SER A 326 -8.78 -23.59 -20.80
C SER A 326 -10.00 -24.32 -21.26
N GLU A 327 -9.85 -25.64 -21.39
CA GLU A 327 -10.93 -26.45 -21.93
C GLU A 327 -12.07 -26.55 -20.95
N LEU A 328 -11.75 -26.68 -19.65
CA LEU A 328 -12.80 -26.66 -18.64
C LEU A 328 -13.47 -25.29 -18.66
N GLU A 329 -12.67 -24.23 -18.75
CA GLU A 329 -13.26 -22.88 -18.90
C GLU A 329 -14.08 -22.73 -20.20
N ARG A 330 -13.56 -23.20 -21.33
CA ARG A 330 -14.33 -23.17 -22.57
C ARG A 330 -15.67 -23.86 -22.40
N ARG A 331 -15.66 -25.02 -21.75
CA ARG A 331 -16.91 -25.80 -21.57
C ARG A 331 -17.92 -25.09 -20.68
N VAL A 332 -17.42 -24.39 -19.67
CA VAL A 332 -18.29 -23.57 -18.83
C VAL A 332 -18.83 -22.40 -19.65
N ARG A 333 -17.96 -21.68 -20.36
CA ARG A 333 -18.37 -20.51 -21.15
C ARG A 333 -19.40 -20.84 -22.21
N ALA A 334 -19.39 -22.09 -22.68
CA ALA A 334 -20.31 -22.56 -23.71
C ALA A 334 -21.55 -23.28 -23.18
N GLY A 335 -21.72 -23.35 -21.86
CA GLY A 335 -22.89 -24.02 -21.29
C GLY A 335 -22.92 -25.53 -21.38
N GLU A 336 -21.77 -26.15 -21.64
CA GLU A 336 -21.64 -27.62 -21.71
C GLU A 336 -21.48 -28.26 -20.34
N LEU A 337 -21.04 -27.48 -19.35
CA LEU A 337 -20.70 -27.98 -18.03
C LEU A 337 -21.15 -26.95 -17.01
N THR A 338 -21.72 -27.41 -15.89
CA THR A 338 -22.03 -26.48 -14.81
C THR A 338 -20.72 -26.02 -14.12
N PRO A 339 -20.76 -24.82 -13.52
CA PRO A 339 -19.60 -24.38 -12.71
C PRO A 339 -19.27 -25.37 -11.58
N ALA A 340 -20.28 -25.96 -10.95
CA ALA A 340 -20.04 -26.87 -9.84
C ALA A 340 -19.33 -28.17 -10.32
N LEU A 341 -19.71 -28.67 -11.48
CA LEU A 341 -19.06 -29.83 -12.09
C LEU A 341 -17.67 -29.53 -12.60
N ALA A 342 -17.42 -28.32 -13.13
CA ALA A 342 -16.07 -27.93 -13.51
C ALA A 342 -15.18 -27.80 -12.28
N ALA A 343 -15.71 -27.19 -11.22
CA ALA A 343 -15.01 -27.05 -9.95
C ALA A 343 -14.59 -28.41 -9.37
N GLN A 344 -15.53 -29.35 -9.35
CA GLN A 344 -15.26 -30.72 -8.87
C GLN A 344 -14.14 -31.39 -9.67
N GLN A 345 -14.18 -31.29 -11.00
CA GLN A 345 -13.13 -31.84 -11.84
C GLN A 345 -11.75 -31.18 -11.60
N ILE A 346 -11.76 -29.88 -11.30
CA ILE A 346 -10.53 -29.15 -10.99
C ILE A 346 -9.92 -29.71 -9.68
N LEU A 347 -10.77 -29.90 -8.67
CA LEU A 347 -10.32 -30.40 -7.37
C LEU A 347 -9.86 -31.88 -7.50
N GLU A 348 -10.64 -32.70 -8.21
CA GLU A 348 -10.25 -34.11 -8.46
C GLU A 348 -8.90 -34.20 -9.12
N ILE A 349 -8.70 -33.41 -10.17
CA ILE A 349 -7.42 -33.43 -10.91
C ILE A 349 -6.24 -32.96 -10.08
N ALA A 350 -6.41 -31.89 -9.31
CA ALA A 350 -5.39 -31.42 -8.36
C ALA A 350 -5.01 -32.52 -7.34
N ASN A 351 -6.03 -33.18 -6.80
CA ASN A 351 -5.87 -34.24 -5.83
C ASN A 351 -5.11 -35.46 -6.39
N LEU A 352 -5.33 -35.74 -7.67
CA LEU A 352 -4.73 -36.90 -8.34
C LEU A 352 -3.27 -36.70 -8.59
N THR A 353 -2.87 -35.44 -8.74
CA THR A 353 -1.51 -35.09 -9.13
C THR A 353 -0.76 -34.31 -8.04
N ASP A 354 -1.29 -34.29 -6.81
CA ASP A 354 -0.61 -33.67 -5.66
C ASP A 354 -0.07 -34.73 -4.69
O1B DGI B . 5.29 9.33 -10.44
PB DGI B . 4.24 9.78 -11.44
O2B DGI B . 2.85 9.84 -10.84
O3B DGI B . 4.24 8.96 -12.68
O3A DGI B . 4.49 11.30 -11.89
PA DGI B . 5.85 12.16 -11.81
O1A DGI B . 6.84 11.30 -12.51
O2A DGI B . 6.17 12.80 -10.48
O5' DGI B . 5.42 13.40 -12.70
C5' DGI B . 5.00 13.21 -14.06
C4' DGI B . 5.29 14.49 -14.81
O4' DGI B . 4.49 15.55 -14.29
C3' DGI B . 6.71 15.01 -14.72
O3' DGI B . 6.97 15.72 -15.92
C2' DGI B . 6.69 16.05 -13.65
C1' DGI B . 5.28 16.60 -13.81
N9 DGI B . 4.73 17.12 -12.55
C8 DGI B . 4.81 16.56 -11.31
N7 DGI B . 4.19 17.34 -10.40
C5 DGI B . 3.68 18.40 -11.04
C4 DGI B . 4.03 18.25 -12.47
N3 DGI B . 3.63 19.20 -13.35
C2 DGI B . 2.92 20.27 -12.92
N2 DGI B . 2.53 21.19 -13.84
N1 DGI B . 2.56 20.45 -11.63
C6 DGI B . 2.91 19.59 -10.67
O6 DGI B . 2.58 19.77 -9.47
C1 PGE C . -19.31 16.22 8.58
O1 PGE C . -18.87 17.56 8.77
C2 PGE C . -18.15 15.31 8.27
O2 PGE C . -17.03 15.58 9.13
C3 PGE C . -16.51 14.45 9.81
C4 PGE C . -15.06 14.81 10.16
O4 PGE C . -12.75 16.10 7.11
C6 PGE C . -12.02 15.51 8.19
C5 PGE C . -12.92 15.33 9.40
O3 PGE C . -14.21 14.85 9.01
C1 PGE D . -13.22 6.63 9.55
O1 PGE D . -12.75 5.31 9.77
C2 PGE D . -13.97 6.64 8.23
O2 PGE D . -13.24 7.42 7.31
C3 PGE D . -13.63 7.34 5.96
C4 PGE D . -12.37 7.18 5.08
O4 PGE D . -9.94 4.17 4.88
C6 PGE D . -11.05 4.04 3.99
C5 PGE D . -11.53 5.45 3.63
O3 PGE D . -12.44 5.83 4.65
CL CL E . -6.04 4.12 18.63
#